data_8XX9
#
_entry.id   8XX9
#
_cell.length_a   43.770
_cell.length_b   102.389
_cell.length_c   63.397
_cell.angle_alpha   90.00
_cell.angle_beta   96.42
_cell.angle_gamma   90.00
#
_symmetry.space_group_name_H-M   'P 1 21 1'
#
loop_
_entity.id
_entity.type
_entity.pdbx_description
1 polymer alpha-amylase
2 non-polymer 'MANGANESE (II) ION'
3 non-polymer 'CALCIUM ION'
4 non-polymer '2-(N-MORPHOLINO)-ETHANESULFONIC ACID'
5 non-polymer (4S)-2-METHYL-2,4-PENTANEDIOL
6 water water
#
_entity_poly.entity_id   1
_entity_poly.type   'polypeptide(L)'
_entity_poly.pdbx_seq_one_letter_code
;GSGMKETAAAKFERQHMDSPDLGTDDDDKAMADIGIEDGINYDPNDPTRVTLSLYAPGKSFVYVIGDFTNWEVDPAYFMY
RDAPRPDSVHWWITIEGLTPGQEYAFQYFIDGELRLADLFAHKVLDPWHDPFIPSSTYPNLKPYPTGKTEGIVAVLQPGA
PQYQWQVTDFERPPAHELVIYELLIRDFVARHDYVTLIDTLDYLERLGVNAIELMPVAEFDGNISWGYNPAFHLALDKYY
GPADDLKRFVDECHRRGIAVILDVVYNHATGNSPLVQLYGPTADNPFINIPARHPFNVFYDLNHEHPYIQYWLDRANRYW
LEEFRVDGFRFDLSKGFTQKYTDDDVGAWSAYDASRIRLLKRMADAIWAVDSTAYIILEHFADNQEEKELAAYGQDRGRA
GMLLWHNLNRAFSQSVMGYLNDPNFSSDLTTIYYKNRGFPTPNLIAYMESHDEQWLMYRMRAYGARQGAYDVRSLPVALD
RMKLAGAFFFTVPGPKMIWQFGELGYGYGERGEQCLEGTGDSCPSIAPGRIDPKPIRWDYRNDPLRMKLYRTWAELLRLR
REHAVFRSPETQVRMRLQHGVPGRWISLTHPELSVVVVGNFGLEPLVVTPTFPQTGTWYDYFNGDSLVVDDPNTGIELLP
GEFRLYTNRYVGQAE
;
_entity_poly.pdbx_strand_id   A
#
# COMPACT_ATOMS: atom_id res chain seq x y z
N ILE A 36 3.52 -10.39 30.66
CA ILE A 36 2.55 -11.23 29.89
C ILE A 36 1.51 -10.34 29.21
N GLU A 37 1.33 -10.57 27.89
CA GLU A 37 0.29 -9.96 27.10
C GLU A 37 -0.64 -11.07 26.57
N ASP A 38 -1.83 -10.68 26.07
CA ASP A 38 -2.65 -11.62 25.35
C ASP A 38 -1.88 -12.18 24.16
N GLY A 39 -2.12 -13.46 23.90
CA GLY A 39 -1.46 -14.18 22.84
C GLY A 39 -0.42 -15.16 23.40
N ILE A 40 0.64 -15.38 22.62
CA ILE A 40 1.61 -16.44 22.84
C ILE A 40 2.87 -15.76 23.36
N ASN A 41 3.23 -16.06 24.62
CA ASN A 41 4.36 -15.46 25.29
C ASN A 41 5.48 -16.47 25.47
N TYR A 42 6.63 -16.19 24.88
CA TYR A 42 7.79 -17.05 24.99
C TYR A 42 8.65 -16.57 26.14
N ASP A 43 9.45 -17.51 26.68
CA ASP A 43 10.44 -17.23 27.71
C ASP A 43 11.81 -17.10 27.05
N PRO A 44 12.39 -15.87 27.00
CA PRO A 44 13.67 -15.68 26.31
C PRO A 44 14.82 -16.51 26.88
N ASN A 45 14.64 -17.09 28.08
CA ASN A 45 15.72 -17.83 28.72
C ASN A 45 15.45 -19.34 28.72
N ASP A 46 14.28 -19.77 28.22
CA ASP A 46 13.90 -21.17 28.31
C ASP A 46 13.00 -21.54 27.13
N PRO A 47 13.54 -22.25 26.11
CA PRO A 47 12.76 -22.58 24.91
C PRO A 47 11.85 -23.80 25.01
N THR A 48 11.52 -24.22 26.23
CA THR A 48 10.64 -25.37 26.46
C THR A 48 9.27 -24.97 27.00
N ARG A 49 8.95 -23.67 27.05
CA ARG A 49 7.71 -23.27 27.71
C ARG A 49 7.10 -22.05 27.02
N VAL A 50 5.81 -21.87 27.26
CA VAL A 50 5.07 -20.72 26.76
C VAL A 50 4.00 -20.36 27.77
N THR A 51 3.58 -19.09 27.79
CA THR A 51 2.36 -18.70 28.47
C THR A 51 1.39 -18.19 27.42
N LEU A 52 0.16 -18.71 27.50
CA LEU A 52 -0.92 -18.29 26.63
C LEU A 52 -1.89 -17.45 27.44
N SER A 53 -2.43 -16.39 26.79
CA SER A 53 -3.44 -15.54 27.41
C SER A 53 -4.50 -15.10 26.39
N LEU A 54 -5.75 -15.12 26.84
CA LEU A 54 -6.92 -14.77 26.05
C LEU A 54 -7.79 -13.79 26.83
N TYR A 55 -8.18 -12.69 26.17
CA TYR A 55 -9.20 -11.80 26.69
C TYR A 55 -10.57 -12.37 26.39
N ALA A 56 -11.38 -12.68 27.42
CA ALA A 56 -12.72 -13.16 27.15
C ALA A 56 -13.63 -12.97 28.36
N PRO A 57 -14.05 -11.73 28.64
CA PRO A 57 -15.14 -11.49 29.59
C PRO A 57 -16.38 -12.26 29.18
N GLY A 58 -17.17 -12.66 30.20
CA GLY A 58 -18.46 -13.27 29.93
C GLY A 58 -18.37 -14.77 29.69
N LYS A 59 -17.18 -15.37 29.74
CA LYS A 59 -17.10 -16.80 29.50
C LYS A 59 -17.02 -17.50 30.85
N SER A 60 -17.32 -18.80 30.82
CA SER A 60 -17.54 -19.58 32.03
C SER A 60 -16.28 -20.40 32.31
N PHE A 61 -15.71 -21.07 31.28
CA PHE A 61 -14.48 -21.81 31.48
C PHE A 61 -13.75 -21.98 30.15
N VAL A 62 -12.42 -22.16 30.22
CA VAL A 62 -11.61 -22.26 29.00
C VAL A 62 -10.50 -23.30 29.19
N TYR A 63 -10.35 -24.16 28.18
CA TYR A 63 -9.22 -25.06 28.08
C TYR A 63 -8.35 -24.64 26.90
N VAL A 64 -7.05 -24.96 26.97
CA VAL A 64 -6.22 -25.04 25.77
C VAL A 64 -6.21 -26.48 25.29
N ILE A 65 -6.51 -26.66 24.01
CA ILE A 65 -6.34 -27.95 23.33
C ILE A 65 -5.31 -27.80 22.22
N GLY A 66 -4.58 -28.88 21.95
CA GLY A 66 -3.60 -28.77 20.88
C GLY A 66 -2.71 -30.00 20.76
N ASP A 67 -1.68 -29.86 19.92
CA ASP A 67 -0.79 -31.00 19.65
C ASP A 67 -0.29 -31.61 20.96
N PHE A 68 0.03 -30.75 21.93
CA PHE A 68 0.61 -31.13 23.21
C PHE A 68 -0.42 -31.72 24.17
N THR A 69 -1.71 -31.71 23.82
CA THR A 69 -2.72 -32.45 24.56
C THR A 69 -3.33 -33.60 23.73
N ASN A 70 -2.69 -33.99 22.62
CA ASN A 70 -3.30 -34.85 21.61
C ASN A 70 -4.73 -34.42 21.26
N TRP A 71 -5.00 -33.10 21.26
CA TRP A 71 -6.30 -32.53 20.93
C TRP A 71 -7.41 -33.02 21.87
N GLU A 72 -7.00 -33.51 23.04
CA GLU A 72 -7.95 -33.92 24.05
C GLU A 72 -8.04 -32.82 25.12
N VAL A 73 -9.11 -32.92 25.91
CA VAL A 73 -9.26 -32.12 27.11
C VAL A 73 -8.44 -32.75 28.24
N ASP A 74 -7.53 -31.98 28.82
CA ASP A 74 -6.65 -32.50 29.86
C ASP A 74 -6.68 -31.49 30.99
N PRO A 75 -7.08 -31.88 32.22
CA PRO A 75 -7.21 -30.94 33.33
C PRO A 75 -6.03 -30.02 33.54
N ALA A 76 -4.82 -30.46 33.14
CA ALA A 76 -3.64 -29.66 33.40
C ALA A 76 -3.63 -28.45 32.47
N TYR A 77 -4.58 -28.43 31.51
CA TYR A 77 -4.66 -27.40 30.48
C TYR A 77 -5.92 -26.56 30.65
N PHE A 78 -6.60 -26.69 31.81
CA PHE A 78 -7.70 -25.81 32.19
C PHE A 78 -7.11 -24.48 32.59
N MET A 79 -7.65 -23.41 32.03
CA MET A 79 -6.99 -22.11 32.14
C MET A 79 -7.44 -21.37 33.42
N TYR A 80 -6.46 -20.65 33.99
CA TYR A 80 -6.66 -19.77 35.14
C TYR A 80 -7.40 -18.51 34.68
N ARG A 81 -8.28 -18.00 35.54
CA ARG A 81 -9.03 -16.79 35.26
C ARG A 81 -8.41 -15.64 36.05
N ASP A 82 -7.98 -14.58 35.35
CA ASP A 82 -7.48 -13.38 35.98
C ASP A 82 -8.46 -12.27 35.67
N ALA A 83 -9.17 -11.81 36.71
CA ALA A 83 -10.23 -10.84 36.52
C ALA A 83 -10.11 -9.75 37.57
N PRO A 84 -9.04 -8.90 37.51
CA PRO A 84 -8.86 -7.80 38.44
C PRO A 84 -10.08 -6.86 38.46
N ARG A 85 -10.70 -6.63 37.29
CA ARG A 85 -11.98 -5.96 37.20
C ARG A 85 -12.84 -6.68 36.16
N PRO A 86 -14.18 -6.74 36.32
CA PRO A 86 -15.02 -7.56 35.46
C PRO A 86 -14.86 -7.32 33.96
N ASP A 87 -14.33 -6.13 33.59
CA ASP A 87 -14.19 -5.73 32.20
C ASP A 87 -12.79 -6.08 31.66
N SER A 88 -11.95 -6.71 32.50
CA SER A 88 -10.62 -7.11 32.10
C SER A 88 -10.36 -8.56 32.54
N VAL A 89 -11.16 -9.49 31.97
CA VAL A 89 -11.05 -10.92 32.24
C VAL A 89 -10.13 -11.55 31.19
N HIS A 90 -8.99 -12.05 31.66
CA HIS A 90 -8.06 -12.80 30.84
C HIS A 90 -7.92 -14.21 31.38
N TRP A 91 -7.96 -15.18 30.47
CA TRP A 91 -7.70 -16.57 30.77
C TRP A 91 -6.26 -16.90 30.41
N TRP A 92 -5.53 -17.60 31.28
CA TRP A 92 -4.13 -17.82 30.99
C TRP A 92 -3.64 -19.17 31.53
N ILE A 93 -2.54 -19.65 30.96
CA ILE A 93 -1.93 -20.90 31.41
C ILE A 93 -0.48 -20.91 30.95
N THR A 94 0.40 -21.46 31.78
CA THR A 94 1.80 -21.65 31.42
C THR A 94 2.00 -23.12 31.07
N ILE A 95 2.59 -23.39 29.91
CA ILE A 95 2.75 -24.75 29.39
C ILE A 95 4.23 -25.09 29.41
N GLU A 96 4.58 -26.18 30.11
CA GLU A 96 5.95 -26.63 30.27
C GLU A 96 6.22 -27.87 29.40
N GLY A 97 7.50 -28.18 29.21
CA GLY A 97 7.90 -29.47 28.65
C GLY A 97 7.69 -29.62 27.15
N LEU A 98 7.76 -28.49 26.41
CA LEU A 98 7.68 -28.52 24.96
C LEU A 98 9.10 -28.67 24.40
N THR A 99 9.17 -29.11 23.14
CA THR A 99 10.44 -29.36 22.45
C THR A 99 10.91 -28.09 21.75
N PRO A 100 12.12 -27.57 22.06
CA PRO A 100 12.69 -26.45 21.32
C PRO A 100 12.61 -26.65 19.81
N GLY A 101 12.07 -25.62 19.12
CA GLY A 101 12.08 -25.58 17.68
C GLY A 101 10.83 -26.21 17.06
N GLN A 102 10.05 -26.94 17.87
CA GLN A 102 8.92 -27.67 17.33
C GLN A 102 7.71 -26.75 17.21
N GLU A 103 6.95 -26.91 16.13
CA GLU A 103 5.69 -26.20 15.94
C GLU A 103 4.56 -27.01 16.56
N TYR A 104 3.72 -26.32 17.30
CA TYR A 104 2.55 -26.92 17.90
C TYR A 104 1.31 -26.14 17.52
N ALA A 105 0.32 -26.83 16.97
CA ALA A 105 -0.99 -26.26 16.72
C ALA A 105 -1.85 -26.32 17.98
N PHE A 106 -2.72 -25.32 18.14
CA PHE A 106 -3.55 -25.24 19.35
C PHE A 106 -4.75 -24.34 19.07
N GLN A 107 -5.74 -24.46 19.96
CA GLN A 107 -6.91 -23.63 20.03
C GLN A 107 -7.28 -23.41 21.51
N TYR A 108 -7.99 -22.31 21.78
CA TYR A 108 -8.75 -22.17 23.01
C TYR A 108 -10.09 -22.89 22.83
N PHE A 109 -10.45 -23.68 23.85
CA PHE A 109 -11.72 -24.38 23.81
C PHE A 109 -12.59 -23.77 24.92
N ILE A 110 -13.58 -23.02 24.47
CA ILE A 110 -14.28 -22.08 25.32
C ILE A 110 -15.69 -22.59 25.62
N ASP A 111 -15.98 -22.68 26.92
CA ASP A 111 -17.29 -23.08 27.44
C ASP A 111 -17.75 -24.41 26.83
N GLY A 112 -16.79 -25.29 26.48
CA GLY A 112 -17.10 -26.60 25.94
C GLY A 112 -17.71 -26.59 24.54
N GLU A 113 -17.75 -25.43 23.87
CA GLU A 113 -18.38 -25.35 22.56
C GLU A 113 -17.40 -24.78 21.54
N LEU A 114 -16.86 -23.60 21.85
CA LEU A 114 -16.22 -22.78 20.84
C LEU A 114 -14.72 -23.13 20.78
N ARG A 115 -14.25 -23.49 19.58
CA ARG A 115 -12.83 -23.73 19.33
C ARG A 115 -12.27 -22.54 18.55
N LEU A 116 -11.33 -21.82 19.18
CA LEU A 116 -10.92 -20.53 18.65
C LEU A 116 -9.40 -20.50 18.58
N ALA A 117 -8.88 -20.15 17.41
CA ALA A 117 -7.46 -19.85 17.29
C ALA A 117 -7.20 -18.48 17.91
N ASP A 118 -5.98 -18.29 18.44
CA ASP A 118 -5.58 -17.09 19.13
C ASP A 118 -5.64 -15.89 18.19
N LEU A 119 -6.33 -14.84 18.65
CA LEU A 119 -6.43 -13.55 17.98
C LEU A 119 -5.06 -13.04 17.57
N PHE A 120 -4.04 -13.34 18.39
CA PHE A 120 -2.70 -12.83 18.20
C PHE A 120 -1.76 -13.88 17.64
N ALA A 121 -2.31 -14.95 17.03
CA ALA A 121 -1.49 -15.93 16.35
C ALA A 121 -0.66 -15.26 15.26
N HIS A 122 0.59 -15.72 15.05
CA HIS A 122 1.44 -15.19 13.99
C HIS A 122 1.50 -16.15 12.80
N LYS A 123 0.93 -17.33 13.01
CA LYS A 123 0.81 -18.35 12.00
C LYS A 123 -0.40 -19.19 12.32
N VAL A 124 -1.17 -19.55 11.29
CA VAL A 124 -2.30 -20.42 11.48
C VAL A 124 -2.27 -21.53 10.42
N LEU A 125 -2.96 -22.64 10.74
CA LEU A 125 -3.18 -23.67 9.74
C LEU A 125 -4.66 -23.66 9.42
N ASP A 126 -4.91 -23.56 8.12
CA ASP A 126 -6.24 -23.41 7.59
C ASP A 126 -6.64 -24.70 6.90
N PRO A 127 -7.65 -25.41 7.43
CA PRO A 127 -7.93 -26.75 6.93
C PRO A 127 -8.53 -26.74 5.53
N TRP A 128 -9.27 -25.68 5.19
CA TRP A 128 -9.88 -25.59 3.88
C TRP A 128 -8.88 -25.23 2.77
N HIS A 129 -7.85 -24.42 3.07
CA HIS A 129 -7.04 -23.85 2.00
C HIS A 129 -5.58 -24.27 2.06
N ASP A 130 -5.08 -24.72 3.21
CA ASP A 130 -3.68 -25.12 3.25
C ASP A 130 -3.41 -26.27 2.29
N PRO A 131 -4.38 -27.18 2.03
CA PRO A 131 -4.13 -28.28 1.09
C PRO A 131 -3.68 -27.81 -0.29
N PHE A 132 -4.06 -26.57 -0.63
CA PHE A 132 -3.75 -26.04 -1.94
C PHE A 132 -2.53 -25.13 -1.94
N ILE A 133 -1.77 -25.06 -0.86
CA ILE A 133 -0.52 -24.34 -0.91
C ILE A 133 0.54 -25.31 -1.41
N PRO A 134 1.17 -25.07 -2.58
CA PRO A 134 2.25 -25.94 -3.07
C PRO A 134 3.42 -26.08 -2.10
N SER A 135 4.03 -27.27 -2.05
CA SER A 135 5.26 -27.45 -1.28
C SER A 135 6.34 -26.44 -1.67
N SER A 136 6.42 -26.05 -2.96
CA SER A 136 7.40 -25.06 -3.38
C SER A 136 7.10 -23.69 -2.78
N THR A 137 5.85 -23.40 -2.47
CA THR A 137 5.48 -22.10 -1.91
C THR A 137 5.82 -22.04 -0.42
N TYR A 138 5.49 -23.10 0.33
CA TYR A 138 5.75 -23.13 1.75
C TYR A 138 6.34 -24.50 2.07
N PRO A 139 7.67 -24.62 1.96
CA PRO A 139 8.34 -25.89 2.19
C PRO A 139 8.01 -26.49 3.57
N ASN A 140 7.68 -27.78 3.53
CA ASN A 140 7.56 -28.62 4.71
C ASN A 140 6.46 -28.11 5.63
N LEU A 141 5.47 -27.43 5.05
CA LEU A 141 4.37 -26.89 5.83
C LEU A 141 3.77 -27.97 6.72
N LYS A 142 3.67 -27.66 8.02
CA LYS A 142 2.99 -28.53 8.97
C LYS A 142 1.55 -28.77 8.52
N PRO A 143 1.11 -30.03 8.39
CA PRO A 143 -0.25 -30.30 7.92
C PRO A 143 -1.29 -30.09 9.02
N TYR A 144 -2.51 -29.82 8.57
CA TYR A 144 -3.58 -29.59 9.52
C TYR A 144 -3.90 -30.90 10.21
N PRO A 145 -4.20 -30.87 11.53
CA PRO A 145 -4.50 -32.10 12.29
C PRO A 145 -5.93 -32.59 12.04
N THR A 146 -6.17 -33.03 10.81
CA THR A 146 -7.50 -33.43 10.35
C THR A 146 -8.12 -34.43 11.32
N GLY A 147 -9.43 -34.22 11.58
CA GLY A 147 -10.22 -35.07 12.45
C GLY A 147 -9.90 -34.92 13.93
N LYS A 148 -8.82 -34.23 14.31
CA LYS A 148 -8.53 -34.05 15.73
C LYS A 148 -9.29 -32.83 16.28
N THR A 149 -9.58 -31.84 15.42
CA THR A 149 -10.34 -30.66 15.79
C THR A 149 -10.97 -30.13 14.51
N GLU A 150 -11.64 -28.98 14.59
CA GLU A 150 -12.20 -28.33 13.43
C GLU A 150 -11.89 -26.84 13.52
N GLY A 151 -11.92 -26.17 12.37
CA GLY A 151 -11.66 -24.74 12.30
C GLY A 151 -10.17 -24.43 12.18
N ILE A 152 -9.87 -23.15 11.90
CA ILE A 152 -8.48 -22.73 11.88
C ILE A 152 -7.83 -22.95 13.24
N VAL A 153 -6.56 -23.39 13.22
CA VAL A 153 -5.76 -23.55 14.43
C VAL A 153 -4.61 -22.55 14.43
N ALA A 154 -4.17 -22.12 15.61
CA ALA A 154 -3.01 -21.27 15.78
C ALA A 154 -1.78 -22.16 15.87
N VAL A 155 -0.60 -21.60 15.59
CA VAL A 155 0.67 -22.31 15.73
C VAL A 155 1.56 -21.52 16.66
N LEU A 156 2.15 -22.21 17.66
CA LEU A 156 3.22 -21.64 18.46
C LEU A 156 4.49 -22.48 18.25
N GLN A 157 5.62 -21.88 18.58
CA GLN A 157 6.91 -22.49 18.28
C GLN A 157 7.92 -21.95 19.28
N PRO A 158 8.09 -22.63 20.44
CA PRO A 158 9.14 -22.23 21.38
C PRO A 158 10.49 -22.57 20.76
N GLY A 159 11.52 -21.81 21.13
CA GLY A 159 12.85 -21.97 20.58
C GLY A 159 12.91 -21.75 19.07
N ALA A 160 12.09 -20.82 18.56
CA ALA A 160 12.09 -20.55 17.14
C ALA A 160 13.45 -20.00 16.73
N PRO A 161 14.06 -20.53 15.65
CA PRO A 161 15.30 -19.96 15.12
C PRO A 161 15.04 -18.50 14.76
N GLN A 162 16.00 -17.63 15.08
CA GLN A 162 15.86 -16.20 14.87
C GLN A 162 16.64 -15.77 13.62
N TYR A 163 15.94 -15.12 12.68
CA TYR A 163 16.55 -14.59 11.47
C TYR A 163 17.65 -13.61 11.89
N GLN A 164 18.81 -13.70 11.23
CA GLN A 164 19.95 -12.85 11.55
C GLN A 164 19.94 -11.65 10.62
N TRP A 165 19.45 -10.51 11.15
CA TRP A 165 19.33 -9.30 10.35
C TRP A 165 20.72 -8.77 10.03
N GLN A 166 20.93 -8.44 8.75
CA GLN A 166 22.24 -8.07 8.26
C GLN A 166 22.39 -6.54 8.24
N VAL A 167 21.33 -5.81 7.88
CA VAL A 167 21.47 -4.38 7.69
C VAL A 167 21.11 -3.68 8.99
N THR A 168 22.07 -2.96 9.55
CA THR A 168 21.94 -2.31 10.84
C THR A 168 21.80 -0.80 10.68
N ASP A 169 22.23 -0.25 9.54
CA ASP A 169 22.44 1.18 9.43
C ASP A 169 21.51 1.82 8.40
N PHE A 170 20.35 1.19 8.16
CA PHE A 170 19.36 1.65 7.19
C PHE A 170 18.78 3.00 7.58
N GLU A 171 18.80 3.93 6.62
CA GLU A 171 18.22 5.25 6.76
C GLU A 171 16.97 5.30 5.89
N ARG A 172 15.80 5.42 6.51
CA ARG A 172 14.61 5.36 5.68
C ARG A 172 14.44 6.73 5.01
N PRO A 173 13.98 6.76 3.75
CA PRO A 173 13.69 8.01 3.08
C PRO A 173 12.78 8.91 3.91
N PRO A 174 12.97 10.24 3.88
CA PRO A 174 12.01 11.16 4.47
C PRO A 174 10.61 10.86 3.93
N ALA A 175 9.61 10.89 4.79
CA ALA A 175 8.22 10.57 4.40
C ALA A 175 7.81 11.36 3.17
N HIS A 176 8.11 12.67 3.17
CA HIS A 176 7.64 13.51 2.09
C HIS A 176 8.40 13.26 0.78
N GLU A 177 9.44 12.42 0.79
CA GLU A 177 10.23 12.10 -0.41
C GLU A 177 9.94 10.70 -0.96
N LEU A 178 8.95 10.00 -0.37
CA LEU A 178 8.65 8.65 -0.79
C LEU A 178 8.22 8.58 -2.26
N VAL A 179 8.80 7.63 -2.97
CA VAL A 179 8.39 7.22 -4.30
C VAL A 179 8.14 5.73 -4.21
N ILE A 180 6.85 5.37 -4.14
CA ILE A 180 6.38 4.07 -3.67
C ILE A 180 5.94 3.23 -4.86
N TYR A 181 6.34 1.96 -4.86
CA TYR A 181 5.91 0.99 -5.85
C TYR A 181 4.91 0.04 -5.20
N GLU A 182 3.64 0.15 -5.60
CA GLU A 182 2.58 -0.68 -5.06
C GLU A 182 2.60 -2.03 -5.78
N LEU A 183 2.69 -3.11 -4.97
CA LEU A 183 3.00 -4.45 -5.46
C LEU A 183 2.00 -5.42 -4.85
N LEU A 184 1.31 -6.19 -5.73
CA LEU A 184 0.51 -7.32 -5.29
C LEU A 184 1.30 -8.60 -5.53
N ILE A 185 1.65 -9.29 -4.46
CA ILE A 185 2.57 -10.42 -4.58
C ILE A 185 1.97 -11.48 -5.50
N ARG A 186 0.67 -11.71 -5.37
CA ARG A 186 -0.06 -12.68 -6.17
C ARG A 186 0.16 -12.53 -7.67
N ASP A 187 0.17 -11.29 -8.16
CA ASP A 187 0.19 -11.01 -9.59
C ASP A 187 1.50 -10.38 -10.04
N PHE A 188 2.47 -10.20 -9.15
CA PHE A 188 3.74 -9.58 -9.50
C PHE A 188 4.68 -10.63 -10.07
N VAL A 189 4.63 -11.83 -9.50
CA VAL A 189 5.46 -12.95 -9.95
C VAL A 189 4.61 -14.21 -9.92
N ALA A 190 4.79 -15.07 -10.92
CA ALA A 190 3.93 -16.24 -11.05
C ALA A 190 4.00 -17.11 -9.79
N ARG A 191 5.18 -17.21 -9.17
CA ARG A 191 5.33 -18.05 -7.97
C ARG A 191 4.79 -17.37 -6.71
N HIS A 192 4.37 -16.11 -6.81
CA HIS A 192 3.66 -15.43 -5.73
C HIS A 192 4.32 -15.59 -4.37
N ASP A 193 5.64 -15.44 -4.27
CA ASP A 193 6.26 -15.63 -2.98
C ASP A 193 7.45 -14.71 -2.76
N TYR A 194 7.84 -14.61 -1.49
CA TYR A 194 8.89 -13.74 -1.04
C TYR A 194 10.23 -14.10 -1.69
N VAL A 195 10.52 -15.40 -1.83
CA VAL A 195 11.84 -15.78 -2.31
C VAL A 195 11.99 -15.31 -3.76
N THR A 196 10.90 -15.39 -4.54
CA THR A 196 10.92 -14.90 -5.92
C THR A 196 10.97 -13.37 -5.97
N LEU A 197 10.29 -12.66 -5.05
CA LEU A 197 10.40 -11.20 -5.02
C LEU A 197 11.85 -10.77 -5.00
N ILE A 198 12.67 -11.49 -4.22
CA ILE A 198 14.05 -11.08 -4.01
C ILE A 198 14.78 -11.01 -5.34
N ASP A 199 14.38 -11.82 -6.32
CA ASP A 199 15.00 -11.83 -7.64
C ASP A 199 14.57 -10.65 -8.52
N THR A 200 13.61 -9.84 -8.06
CA THR A 200 13.14 -8.73 -8.87
C THR A 200 13.75 -7.42 -8.42
N LEU A 201 14.61 -7.47 -7.40
CA LEU A 201 14.98 -6.24 -6.72
C LEU A 201 15.88 -5.37 -7.61
N ASP A 202 16.67 -5.99 -8.49
CA ASP A 202 17.47 -5.20 -9.40
C ASP A 202 16.55 -4.38 -10.31
N TYR A 203 15.49 -5.01 -10.79
CA TYR A 203 14.51 -4.34 -11.65
C TYR A 203 13.88 -3.17 -10.91
N LEU A 204 13.48 -3.39 -9.65
CA LEU A 204 12.83 -2.32 -8.90
C LEU A 204 13.83 -1.21 -8.55
N GLU A 205 15.04 -1.57 -8.10
CA GLU A 205 16.02 -0.57 -7.68
C GLU A 205 16.39 0.34 -8.85
N ARG A 206 16.58 -0.26 -10.04
CA ARG A 206 16.96 0.51 -11.22
C ARG A 206 15.86 1.48 -11.66
N LEU A 207 14.58 1.15 -11.39
CA LEU A 207 13.49 2.04 -11.76
C LEU A 207 13.58 3.34 -10.98
N GLY A 208 14.15 3.33 -9.76
CA GLY A 208 14.40 4.53 -8.97
C GLY A 208 13.39 4.80 -7.86
N VAL A 209 12.53 3.82 -7.58
CA VAL A 209 11.63 3.94 -6.45
C VAL A 209 12.46 3.82 -5.17
N ASN A 210 11.94 4.33 -4.06
CA ASN A 210 12.65 4.24 -2.80
C ASN A 210 11.84 3.53 -1.71
N ALA A 211 10.67 2.99 -2.08
CA ALA A 211 9.88 2.16 -1.16
C ALA A 211 9.02 1.21 -1.99
N ILE A 212 8.80 0.02 -1.43
CA ILE A 212 7.85 -0.95 -1.96
C ILE A 212 6.72 -1.07 -0.96
N GLU A 213 5.47 -0.97 -1.46
CA GLU A 213 4.28 -1.12 -0.67
C GLU A 213 3.65 -2.45 -1.05
N LEU A 214 3.71 -3.42 -0.13
CA LEU A 214 3.10 -4.71 -0.39
C LEU A 214 1.60 -4.64 -0.06
N MET A 215 0.77 -5.05 -1.03
CA MET A 215 -0.63 -5.25 -0.76
C MET A 215 -0.76 -6.33 0.32
N PRO A 216 -1.92 -6.43 0.99
CA PRO A 216 -1.94 -7.05 2.32
C PRO A 216 -1.34 -8.45 2.39
N VAL A 217 -0.37 -8.57 3.30
CA VAL A 217 0.31 -9.84 3.54
C VAL A 217 -0.27 -10.60 4.73
N ALA A 218 -1.06 -9.92 5.57
CA ALA A 218 -1.60 -10.57 6.76
C ALA A 218 -2.68 -11.56 6.36
N GLU A 219 -2.70 -12.71 7.07
CA GLU A 219 -3.57 -13.82 6.81
C GLU A 219 -5.01 -13.43 6.47
N PHE A 220 -5.42 -13.76 5.25
CA PHE A 220 -6.70 -13.40 4.68
C PHE A 220 -7.46 -14.68 4.35
N ASP A 221 -8.77 -14.60 4.18
CA ASP A 221 -9.52 -15.80 3.84
C ASP A 221 -9.01 -16.37 2.52
N GLY A 222 -8.82 -17.68 2.48
CA GLY A 222 -8.39 -18.33 1.25
C GLY A 222 -6.94 -18.02 0.92
N ASN A 223 -6.55 -18.43 -0.28
CA ASN A 223 -5.19 -18.20 -0.75
C ASN A 223 -5.12 -17.09 -1.80
N ILE A 224 -6.20 -16.94 -2.56
CA ILE A 224 -6.24 -16.08 -3.74
C ILE A 224 -7.07 -14.84 -3.42
N SER A 225 -6.38 -13.69 -3.30
CA SER A 225 -7.03 -12.50 -2.79
C SER A 225 -6.19 -11.28 -3.13
N TRP A 226 -6.83 -10.13 -3.20
CA TRP A 226 -6.13 -8.86 -3.04
C TRP A 226 -5.58 -8.70 -1.62
N GLY A 227 -6.29 -9.27 -0.64
CA GLY A 227 -5.89 -9.28 0.76
C GLY A 227 -6.78 -8.42 1.65
N TYR A 228 -7.92 -7.92 1.16
CA TYR A 228 -8.78 -7.02 1.94
C TYR A 228 -9.87 -7.79 2.69
N ASN A 229 -9.62 -9.09 2.84
CA ASN A 229 -10.46 -10.00 3.62
C ASN A 229 -9.66 -10.64 4.74
N PRO A 230 -9.16 -9.82 5.69
CA PRO A 230 -8.30 -10.34 6.76
C PRO A 230 -9.03 -11.18 7.79
N ALA A 231 -8.38 -12.27 8.19
CA ALA A 231 -8.87 -13.14 9.23
C ALA A 231 -8.00 -13.07 10.48
N PHE A 232 -6.68 -13.14 10.31
CA PHE A 232 -5.73 -13.11 11.41
C PHE A 232 -4.71 -12.01 11.14
N HIS A 233 -4.94 -10.86 11.77
CA HIS A 233 -4.28 -9.63 11.37
C HIS A 233 -2.81 -9.56 11.80
N LEU A 234 -2.38 -10.46 12.69
CA LEU A 234 -0.98 -10.50 13.09
C LEU A 234 -0.31 -11.79 12.60
N ALA A 235 -0.95 -12.50 11.68
CA ALA A 235 -0.34 -13.67 11.07
C ALA A 235 0.01 -13.38 9.61
N LEU A 236 1.06 -14.05 9.12
CA LEU A 236 1.55 -13.86 7.77
C LEU A 236 0.95 -14.91 6.86
N ASP A 237 0.15 -14.46 5.90
CA ASP A 237 -0.50 -15.40 4.99
C ASP A 237 0.53 -16.33 4.33
N LYS A 238 0.28 -17.64 4.40
CA LYS A 238 1.30 -18.60 4.02
C LYS A 238 1.35 -18.79 2.50
N TYR A 239 0.38 -18.29 1.76
CA TYR A 239 0.41 -18.46 0.30
C TYR A 239 1.50 -17.62 -0.33
N TYR A 240 2.05 -16.64 0.40
CA TYR A 240 3.14 -15.85 -0.15
C TYR A 240 4.49 -16.32 0.36
N GLY A 241 4.51 -17.41 1.15
CA GLY A 241 5.77 -17.98 1.60
C GLY A 241 6.06 -17.71 3.06
N PRO A 242 7.13 -18.33 3.58
CA PRO A 242 7.46 -18.23 5.00
C PRO A 242 7.94 -16.86 5.47
N ALA A 243 7.71 -16.62 6.76
CA ALA A 243 8.07 -15.38 7.42
C ALA A 243 9.55 -15.04 7.24
N ASP A 244 10.45 -16.03 7.31
CA ASP A 244 11.87 -15.69 7.27
C ASP A 244 12.25 -15.23 5.87
N ASP A 245 11.45 -15.57 4.84
CA ASP A 245 11.69 -15.10 3.48
C ASP A 245 11.22 -13.64 3.37
N LEU A 246 10.14 -13.28 4.04
CA LEU A 246 9.77 -11.87 4.06
C LEU A 246 10.86 -11.08 4.77
N LYS A 247 11.40 -11.60 5.88
CA LYS A 247 12.45 -10.90 6.60
C LYS A 247 13.62 -10.69 5.64
N ARG A 248 13.96 -11.73 4.87
CA ARG A 248 15.09 -11.62 3.96
C ARG A 248 14.82 -10.54 2.91
N PHE A 249 13.58 -10.47 2.46
CA PHE A 249 13.17 -9.45 1.50
C PHE A 249 13.32 -8.04 2.07
N VAL A 250 12.84 -7.80 3.30
CA VAL A 250 12.94 -6.50 3.93
C VAL A 250 14.42 -6.13 4.10
N ASP A 251 15.24 -7.10 4.53
CA ASP A 251 16.65 -6.87 4.76
C ASP A 251 17.34 -6.52 3.44
N GLU A 252 16.98 -7.22 2.36
CA GLU A 252 17.61 -7.00 1.06
C GLU A 252 17.16 -5.64 0.51
N CYS A 253 15.89 -5.28 0.68
CA CYS A 253 15.45 -3.93 0.30
C CYS A 253 16.26 -2.87 1.07
N HIS A 254 16.40 -3.05 2.35
CA HIS A 254 17.12 -2.13 3.20
C HIS A 254 18.58 -1.99 2.73
N ARG A 255 19.18 -3.11 2.33
CA ARG A 255 20.55 -3.07 1.84
C ARG A 255 20.69 -2.10 0.67
N ARG A 256 19.64 -2.04 -0.18
CA ARG A 256 19.60 -1.19 -1.36
C ARG A 256 18.98 0.19 -1.09
N GLY A 257 18.73 0.54 0.17
CA GLY A 257 18.21 1.86 0.52
C GLY A 257 16.71 2.02 0.28
N ILE A 258 15.97 0.90 0.18
CA ILE A 258 14.56 0.89 -0.21
C ILE A 258 13.75 0.50 1.02
N ALA A 259 12.74 1.29 1.34
CA ALA A 259 11.85 1.01 2.45
C ALA A 259 10.76 0.03 2.02
N VAL A 260 10.17 -0.62 3.03
CA VAL A 260 9.04 -1.53 2.81
C VAL A 260 7.85 -1.06 3.65
N ILE A 261 6.72 -0.91 2.98
CA ILE A 261 5.46 -0.47 3.60
C ILE A 261 4.46 -1.62 3.49
N LEU A 262 3.73 -1.92 4.59
CA LEU A 262 2.67 -2.91 4.52
C LEU A 262 1.31 -2.22 4.44
N ASP A 263 0.55 -2.58 3.39
CA ASP A 263 -0.88 -2.30 3.34
C ASP A 263 -1.53 -3.18 4.41
N VAL A 264 -2.36 -2.58 5.28
CA VAL A 264 -2.95 -3.26 6.41
C VAL A 264 -4.42 -2.83 6.54
N VAL A 265 -5.23 -3.78 7.01
CA VAL A 265 -6.67 -3.75 6.81
C VAL A 265 -7.41 -3.88 8.14
N TYR A 266 -7.68 -2.75 8.81
CA TYR A 266 -8.19 -2.79 10.18
C TYR A 266 -9.61 -2.23 10.27
N ASN A 267 -10.21 -1.81 9.16
CA ASN A 267 -11.60 -1.38 9.25
C ASN A 267 -12.52 -2.54 9.65
N HIS A 268 -12.24 -3.73 9.14
CA HIS A 268 -13.14 -4.87 9.19
C HIS A 268 -12.36 -6.17 9.40
N ALA A 269 -13.09 -7.25 9.72
CA ALA A 269 -12.52 -8.58 9.91
C ALA A 269 -13.51 -9.56 9.29
N THR A 270 -13.01 -10.66 8.72
CA THR A 270 -13.93 -11.67 8.22
C THR A 270 -14.52 -12.47 9.38
N GLY A 271 -15.50 -13.30 9.06
CA GLY A 271 -16.09 -14.19 10.06
C GLY A 271 -15.14 -15.23 10.66
N ASN A 272 -13.98 -15.44 10.02
CA ASN A 272 -12.96 -16.30 10.59
C ASN A 272 -12.07 -15.57 11.59
N SER A 273 -12.26 -14.26 11.78
CA SER A 273 -11.48 -13.54 12.77
C SER A 273 -11.94 -13.92 14.18
N PRO A 274 -11.03 -14.19 15.13
CA PRO A 274 -11.49 -14.38 16.50
C PRO A 274 -12.25 -13.19 17.09
N LEU A 275 -12.14 -11.98 16.53
CA LEU A 275 -12.95 -10.85 17.02
C LEU A 275 -14.43 -11.09 16.79
N VAL A 276 -14.74 -11.71 15.65
CA VAL A 276 -16.10 -12.01 15.29
C VAL A 276 -16.54 -13.28 16.01
N GLN A 277 -15.67 -14.29 16.01
CA GLN A 277 -16.09 -15.60 16.52
C GLN A 277 -16.29 -15.58 18.03
N LEU A 278 -15.52 -14.79 18.79
CA LEU A 278 -15.55 -14.95 20.23
C LEU A 278 -16.95 -14.69 20.79
N TYR A 279 -17.68 -13.70 20.25
CA TYR A 279 -19.01 -13.33 20.74
C TYR A 279 -20.07 -13.51 19.65
N GLY A 280 -19.64 -14.00 18.49
CA GLY A 280 -20.54 -14.32 17.41
C GLY A 280 -20.77 -13.14 16.48
N PRO A 281 -21.27 -13.42 15.25
CA PRO A 281 -21.49 -12.38 14.26
C PRO A 281 -22.86 -11.73 14.38
N THR A 282 -23.17 -11.19 15.56
CA THR A 282 -24.39 -10.44 15.76
C THR A 282 -24.09 -9.09 16.41
N ALA A 283 -25.11 -8.25 16.50
CA ALA A 283 -25.03 -6.95 17.13
C ALA A 283 -24.68 -7.07 18.62
N ASP A 284 -24.92 -8.24 19.20
CA ASP A 284 -24.52 -8.51 20.57
C ASP A 284 -23.00 -8.45 20.76
N ASN A 285 -22.22 -8.67 19.68
CA ASN A 285 -20.77 -8.73 19.81
C ASN A 285 -20.24 -7.31 19.94
N PRO A 286 -19.61 -6.93 21.06
CA PRO A 286 -19.25 -5.54 21.28
C PRO A 286 -18.08 -5.04 20.42
N PHE A 287 -17.36 -5.98 19.79
CA PHE A 287 -16.24 -5.61 18.94
C PHE A 287 -16.65 -5.15 17.55
N ILE A 288 -17.89 -5.43 17.15
CA ILE A 288 -18.32 -5.22 15.78
C ILE A 288 -19.58 -4.37 15.74
N ASN A 289 -19.88 -3.85 14.56
CA ASN A 289 -21.03 -3.02 14.31
C ASN A 289 -21.95 -3.72 13.31
N ILE A 290 -23.15 -4.08 13.78
CA ILE A 290 -24.18 -4.62 12.89
C ILE A 290 -25.41 -3.75 13.12
N PRO A 291 -25.81 -2.89 12.17
CA PRO A 291 -25.16 -2.67 10.88
C PRO A 291 -23.86 -1.88 10.96
N ALA A 292 -23.13 -1.88 9.85
CA ALA A 292 -21.91 -1.09 9.75
C ALA A 292 -22.27 0.39 9.93
N ARG A 293 -21.28 1.18 10.36
CA ARG A 293 -21.53 2.55 10.75
C ARG A 293 -21.47 3.52 9.57
N HIS A 294 -20.92 3.07 8.43
CA HIS A 294 -20.55 3.95 7.35
C HIS A 294 -20.66 3.19 6.04
N PRO A 295 -20.63 3.90 4.89
CA PRO A 295 -20.55 3.25 3.57
C PRO A 295 -19.28 2.44 3.34
N PHE A 296 -19.33 1.60 2.31
CA PHE A 296 -18.18 0.92 1.73
C PHE A 296 -17.58 -0.11 2.68
N ASN A 297 -18.36 -0.50 3.69
CA ASN A 297 -17.91 -1.55 4.57
C ASN A 297 -17.99 -2.89 3.86
N VAL A 298 -17.07 -3.80 4.21
CA VAL A 298 -17.16 -5.18 3.79
C VAL A 298 -16.91 -6.03 5.03
N PHE A 299 -17.39 -7.28 5.01
CA PHE A 299 -17.24 -8.15 6.16
C PHE A 299 -17.81 -7.45 7.40
N TYR A 300 -17.20 -7.67 8.56
CA TYR A 300 -17.72 -7.21 9.84
C TYR A 300 -16.99 -5.92 10.22
N ASP A 301 -17.73 -4.82 10.23
CA ASP A 301 -17.22 -3.52 10.62
C ASP A 301 -16.76 -3.54 12.07
N LEU A 302 -15.51 -3.13 12.35
CA LEU A 302 -15.02 -3.14 13.71
C LEU A 302 -15.32 -1.83 14.44
N ASN A 303 -15.44 -1.94 15.76
CA ASN A 303 -15.70 -0.80 16.61
C ASN A 303 -14.39 -0.28 17.19
N HIS A 304 -13.85 0.75 16.55
CA HIS A 304 -12.56 1.33 16.91
C HIS A 304 -12.62 2.16 18.20
N GLU A 305 -13.83 2.42 18.73
CA GLU A 305 -13.98 3.07 20.03
C GLU A 305 -13.86 2.05 21.15
N HIS A 306 -13.90 0.75 20.83
CA HIS A 306 -13.80 -0.27 21.86
C HIS A 306 -12.38 -0.32 22.40
N PRO A 307 -12.14 -0.21 23.72
CA PRO A 307 -10.78 -0.20 24.25
C PRO A 307 -9.95 -1.43 23.86
N TYR A 308 -10.60 -2.58 23.71
CA TYR A 308 -9.88 -3.80 23.37
C TYR A 308 -9.45 -3.77 21.91
N ILE A 309 -10.29 -3.20 21.05
CA ILE A 309 -9.95 -3.03 19.63
C ILE A 309 -8.74 -2.09 19.51
N GLN A 310 -8.69 -1.03 20.33
CA GLN A 310 -7.55 -0.14 20.35
C GLN A 310 -6.29 -0.89 20.78
N TYR A 311 -6.40 -1.71 21.83
CA TYR A 311 -5.27 -2.50 22.29
C TYR A 311 -4.76 -3.42 21.17
N TRP A 312 -5.67 -4.17 20.55
CA TRP A 312 -5.36 -5.08 19.45
C TRP A 312 -4.72 -4.38 18.26
N LEU A 313 -5.31 -3.26 17.85
CA LEU A 313 -4.76 -2.45 16.76
C LEU A 313 -3.33 -2.04 17.06
N ASP A 314 -3.10 -1.56 18.30
CA ASP A 314 -1.76 -1.13 18.67
C ASP A 314 -0.77 -2.31 18.66
N ARG A 315 -1.21 -3.44 19.22
CA ARG A 315 -0.44 -4.67 19.20
C ARG A 315 -0.07 -5.05 17.76
N ALA A 316 -1.03 -4.96 16.84
CA ALA A 316 -0.80 -5.35 15.45
C ALA A 316 0.27 -4.46 14.81
N ASN A 317 0.11 -3.14 14.97
CA ASN A 317 1.06 -2.21 14.39
C ASN A 317 2.45 -2.47 14.96
N ARG A 318 2.49 -2.65 16.28
CA ARG A 318 3.77 -2.87 16.95
C ARG A 318 4.41 -4.16 16.46
N TYR A 319 3.62 -5.21 16.32
CA TYR A 319 4.15 -6.49 15.90
C TYR A 319 4.83 -6.37 14.52
N TRP A 320 4.14 -5.80 13.53
CA TRP A 320 4.72 -5.79 12.19
C TRP A 320 6.01 -4.98 12.15
N LEU A 321 6.04 -3.85 12.88
CA LEU A 321 7.24 -3.05 13.00
C LEU A 321 8.37 -3.84 13.66
N GLU A 322 8.10 -4.46 14.79
CA GLU A 322 9.16 -5.10 15.58
C GLU A 322 9.65 -6.39 14.92
N GLU A 323 8.73 -7.22 14.45
CA GLU A 323 9.09 -8.55 13.98
C GLU A 323 9.69 -8.53 12.58
N PHE A 324 9.17 -7.67 11.69
CA PHE A 324 9.60 -7.66 10.30
C PHE A 324 10.38 -6.40 9.89
N ARG A 325 10.55 -5.44 10.81
CA ARG A 325 11.36 -4.25 10.62
C ARG A 325 10.88 -3.45 9.44
N VAL A 326 9.56 -3.46 9.20
CA VAL A 326 9.04 -2.67 8.10
C VAL A 326 9.06 -1.19 8.49
N ASP A 327 8.93 -0.33 7.47
CA ASP A 327 9.15 1.10 7.61
C ASP A 327 7.87 1.90 7.82
N GLY A 328 6.72 1.25 7.65
CA GLY A 328 5.47 1.91 7.95
C GLY A 328 4.32 1.17 7.29
N PHE A 329 3.14 1.81 7.34
CA PHE A 329 1.89 1.16 6.97
C PHE A 329 1.07 2.06 6.04
N ARG A 330 0.30 1.42 5.16
CA ARG A 330 -0.78 2.06 4.45
C ARG A 330 -2.08 1.49 5.00
N PHE A 331 -2.88 2.35 5.63
CA PHE A 331 -4.14 1.95 6.28
C PHE A 331 -5.29 2.00 5.29
N ASP A 332 -5.69 0.82 4.86
CA ASP A 332 -6.86 0.61 4.03
C ASP A 332 -8.06 1.21 4.74
N LEU A 333 -8.91 1.91 3.98
CA LEU A 333 -10.24 2.31 4.42
C LEU A 333 -10.18 3.00 5.77
N SER A 334 -9.23 3.94 5.94
CA SER A 334 -9.02 4.65 7.20
C SER A 334 -10.23 5.54 7.53
N LYS A 335 -11.05 5.90 6.54
CA LYS A 335 -12.26 6.68 6.83
C LYS A 335 -13.26 5.84 7.61
N GLY A 336 -13.08 4.52 7.59
CA GLY A 336 -13.98 3.63 8.30
C GLY A 336 -13.67 3.48 9.79
N PHE A 337 -12.63 4.19 10.28
CA PHE A 337 -12.23 4.11 11.67
C PHE A 337 -13.06 5.11 12.48
N THR A 338 -14.36 4.82 12.59
CA THR A 338 -15.28 5.71 13.28
C THR A 338 -16.55 4.96 13.67
N GLN A 339 -17.11 5.41 14.80
CA GLN A 339 -18.44 4.98 15.24
C GLN A 339 -19.52 5.99 14.84
N LYS A 340 -19.16 7.14 14.25
CA LYS A 340 -20.17 8.07 13.76
C LYS A 340 -21.03 7.39 12.67
N TYR A 341 -22.37 7.47 12.81
CA TYR A 341 -23.25 6.72 11.94
C TYR A 341 -23.54 7.59 10.71
N THR A 342 -23.19 7.08 9.53
CA THR A 342 -23.46 7.79 8.28
C THR A 342 -24.15 6.89 7.27
N ASP A 343 -24.55 5.67 7.68
CA ASP A 343 -25.36 4.81 6.83
C ASP A 343 -24.66 4.55 5.50
N ASP A 344 -25.32 4.97 4.42
CA ASP A 344 -24.82 4.79 3.06
C ASP A 344 -24.68 6.17 2.42
N ASP A 345 -24.39 7.17 3.23
CA ASP A 345 -24.25 8.55 2.79
C ASP A 345 -22.76 8.94 2.75
N VAL A 346 -22.18 8.88 1.54
CA VAL A 346 -20.75 9.07 1.33
C VAL A 346 -20.36 10.50 1.67
N GLY A 347 -21.18 11.48 1.29
CA GLY A 347 -20.86 12.85 1.62
C GLY A 347 -20.76 13.07 3.12
N ALA A 348 -21.72 12.54 3.89
CA ALA A 348 -21.73 12.68 5.32
C ALA A 348 -20.51 12.00 5.92
N TRP A 349 -20.20 10.81 5.39
CA TRP A 349 -19.09 10.01 5.88
C TRP A 349 -17.78 10.77 5.70
N SER A 350 -17.67 11.42 4.54
CA SER A 350 -16.44 12.07 4.13
C SER A 350 -16.22 13.39 4.86
N ALA A 351 -17.28 13.94 5.45
CA ALA A 351 -17.17 15.20 6.16
C ALA A 351 -16.26 15.04 7.40
N TYR A 352 -15.77 16.17 7.88
CA TYR A 352 -14.94 16.25 9.06
C TYR A 352 -15.58 15.50 10.23
N ASP A 353 -14.82 14.55 10.81
CA ASP A 353 -15.30 13.69 11.87
C ASP A 353 -14.29 13.79 13.01
N ALA A 354 -14.62 14.59 14.04
CA ALA A 354 -13.69 14.79 15.13
C ALA A 354 -13.32 13.47 15.85
N SER A 355 -14.27 12.54 15.96
CA SER A 355 -14.07 11.29 16.67
C SER A 355 -13.08 10.42 15.90
N ARG A 356 -13.23 10.38 14.57
CA ARG A 356 -12.34 9.63 13.70
C ARG A 356 -10.94 10.18 13.82
N ILE A 357 -10.83 11.52 13.78
CA ILE A 357 -9.53 12.17 13.91
C ILE A 357 -8.89 11.81 15.26
N ARG A 358 -9.68 11.84 16.35
CA ARG A 358 -9.15 11.42 17.63
C ARG A 358 -8.58 9.99 17.56
N LEU A 359 -9.32 9.09 16.92
CA LEU A 359 -8.96 7.67 16.85
C LEU A 359 -7.68 7.49 16.03
N LEU A 360 -7.57 8.19 14.91
CA LEU A 360 -6.42 8.03 14.06
C LEU A 360 -5.20 8.62 14.73
N LYS A 361 -5.37 9.75 15.43
CA LYS A 361 -4.24 10.35 16.13
C LYS A 361 -3.78 9.42 17.26
N ARG A 362 -4.75 8.84 17.96
CA ARG A 362 -4.44 7.94 19.08
C ARG A 362 -3.65 6.72 18.59
N MET A 363 -4.06 6.20 17.44
CA MET A 363 -3.36 5.11 16.80
C MET A 363 -1.95 5.55 16.41
N ALA A 364 -1.84 6.71 15.76
CA ALA A 364 -0.55 7.25 15.35
C ALA A 364 0.37 7.46 16.56
N ASP A 365 -0.15 7.97 17.68
CA ASP A 365 0.67 8.17 18.88
C ASP A 365 1.35 6.87 19.29
N ALA A 366 0.59 5.78 19.22
CA ALA A 366 1.11 4.49 19.65
C ALA A 366 2.19 4.01 18.68
N ILE A 367 1.94 4.16 17.38
CA ILE A 367 2.92 3.77 16.38
C ILE A 367 4.22 4.55 16.62
N TRP A 368 4.11 5.87 16.83
CA TRP A 368 5.28 6.71 16.90
C TRP A 368 6.01 6.55 18.24
N ALA A 369 5.33 5.99 19.24
CA ALA A 369 5.98 5.61 20.48
C ALA A 369 6.83 4.35 20.27
N VAL A 370 6.47 3.49 19.32
CA VAL A 370 7.31 2.35 18.95
C VAL A 370 8.47 2.82 18.08
N ASP A 371 8.20 3.71 17.13
CA ASP A 371 9.18 4.12 16.13
C ASP A 371 8.74 5.48 15.59
N SER A 372 9.44 6.56 15.97
CA SER A 372 8.97 7.91 15.78
C SER A 372 8.96 8.35 14.31
N THR A 373 9.63 7.60 13.41
CA THR A 373 9.67 7.96 12.00
C THR A 373 9.01 6.92 11.09
N ALA A 374 8.28 5.95 11.65
CA ALA A 374 7.52 5.03 10.82
C ALA A 374 6.49 5.81 10.01
N TYR A 375 6.26 5.38 8.76
CA TYR A 375 5.31 6.06 7.90
C TYR A 375 3.90 5.64 8.28
N ILE A 376 3.03 6.64 8.35
CA ILE A 376 1.61 6.44 8.53
C ILE A 376 0.91 7.05 7.32
N ILE A 377 0.44 6.14 6.45
CA ILE A 377 -0.17 6.46 5.18
C ILE A 377 -1.64 6.05 5.26
N LEU A 378 -2.53 6.98 4.90
CA LEU A 378 -3.96 6.73 4.99
C LEU A 378 -4.57 6.69 3.60
N GLU A 379 -5.29 5.59 3.31
CA GLU A 379 -6.19 5.57 2.18
C GLU A 379 -7.53 6.18 2.65
N HIS A 380 -7.63 7.50 2.60
CA HIS A 380 -8.58 8.23 3.42
C HIS A 380 -9.72 8.81 2.59
N PHE A 381 -9.38 9.76 1.70
CA PHE A 381 -10.34 10.46 0.85
C PHE A 381 -11.42 11.17 1.68
N ALA A 382 -11.00 11.87 2.73
CA ALA A 382 -11.91 12.72 3.48
C ALA A 382 -11.88 14.15 2.96
N ASP A 383 -12.66 15.05 3.58
CA ASP A 383 -12.69 16.45 3.17
C ASP A 383 -11.39 17.14 3.59
N ASN A 384 -11.15 18.29 2.98
CA ASN A 384 -9.83 18.89 3.07
C ASN A 384 -9.48 19.30 4.50
N GLN A 385 -10.45 19.75 5.29
CA GLN A 385 -10.17 20.17 6.67
C GLN A 385 -9.60 19.00 7.47
N GLU A 386 -10.23 17.83 7.35
CA GLU A 386 -9.80 16.64 8.06
C GLU A 386 -8.43 16.20 7.55
N GLU A 387 -8.26 16.16 6.23
CA GLU A 387 -7.00 15.66 5.70
C GLU A 387 -5.87 16.61 6.09
N LYS A 388 -6.14 17.92 6.08
CA LYS A 388 -5.08 18.86 6.48
C LYS A 388 -4.67 18.63 7.93
N GLU A 389 -5.65 18.38 8.81
CA GLU A 389 -5.37 18.18 10.22
C GLU A 389 -4.54 16.91 10.43
N LEU A 390 -4.85 15.83 9.71
CA LEU A 390 -4.10 14.60 9.89
C LEU A 390 -2.71 14.76 9.29
N ALA A 391 -2.58 15.50 8.18
CA ALA A 391 -1.27 15.76 7.59
C ALA A 391 -0.37 16.54 8.56
N ALA A 392 -0.96 17.52 9.25
CA ALA A 392 -0.20 18.40 10.11
C ALA A 392 0.20 17.73 11.41
N TYR A 393 -0.52 16.65 11.75
CA TYR A 393 -0.44 16.10 13.09
C TYR A 393 0.97 15.67 13.49
N GLY A 394 1.42 16.29 14.59
CA GLY A 394 2.71 16.00 15.14
C GLY A 394 3.86 16.77 14.53
N GLN A 395 3.62 17.58 13.49
CA GLN A 395 4.71 18.20 12.78
C GLN A 395 5.33 19.31 13.64
N ASP A 396 4.61 19.74 14.67
CA ASP A 396 5.10 20.77 15.59
C ASP A 396 5.73 20.15 16.84
N ARG A 397 5.85 18.82 16.90
CA ARG A 397 6.40 18.16 18.08
C ARG A 397 6.99 16.80 17.72
N GLY A 398 7.81 16.78 16.65
CA GLY A 398 8.73 15.69 16.39
C GLY A 398 8.27 14.67 15.35
N ARG A 399 7.14 14.87 14.65
CA ARG A 399 6.65 13.84 13.73
C ARG A 399 6.57 14.37 12.30
N ALA A 400 6.41 13.46 11.32
CA ALA A 400 6.32 13.84 9.92
C ALA A 400 4.90 14.21 9.48
N GLY A 401 3.91 13.93 10.32
CA GLY A 401 2.51 14.00 9.94
C GLY A 401 2.11 12.72 9.23
N MET A 402 0.80 12.56 9.05
CA MET A 402 0.30 11.44 8.27
C MET A 402 0.35 11.80 6.78
N LEU A 403 0.53 10.79 5.93
CA LEU A 403 0.50 10.93 4.48
C LEU A 403 -0.86 10.44 3.97
N LEU A 404 -1.41 11.12 2.97
CA LEU A 404 -2.75 10.83 2.49
C LEU A 404 -2.69 10.46 1.00
N TRP A 405 -3.41 9.40 0.64
CA TRP A 405 -3.59 9.06 -0.76
C TRP A 405 -4.28 10.19 -1.49
N HIS A 406 -3.75 10.50 -2.68
CA HIS A 406 -4.27 11.57 -3.54
C HIS A 406 -4.46 11.05 -4.96
N ASN A 407 -5.71 10.72 -5.28
CA ASN A 407 -6.07 10.00 -6.49
C ASN A 407 -6.20 10.94 -7.67
N LEU A 408 -5.22 10.88 -8.58
CA LEU A 408 -5.30 11.65 -9.82
C LEU A 408 -5.48 10.74 -11.05
N ASN A 409 -6.02 9.55 -10.83
CA ASN A 409 -6.21 8.61 -11.94
C ASN A 409 -7.11 9.16 -13.04
N ARG A 410 -8.23 9.81 -12.66
CA ARG A 410 -9.16 10.31 -13.66
C ARG A 410 -8.51 11.40 -14.52
N ALA A 411 -7.85 12.37 -13.88
CA ALA A 411 -7.31 13.53 -14.57
C ALA A 411 -6.15 13.07 -15.45
N PHE A 412 -5.29 12.17 -14.96
CA PHE A 412 -4.25 11.62 -15.80
C PHE A 412 -4.86 10.80 -16.95
N SER A 413 -5.97 10.08 -16.70
CA SER A 413 -6.62 9.29 -17.71
C SER A 413 -7.07 10.19 -18.86
N GLN A 414 -7.74 11.26 -18.51
CA GLN A 414 -8.24 12.17 -19.54
C GLN A 414 -7.06 12.79 -20.30
N SER A 415 -6.01 13.17 -19.57
CA SER A 415 -4.84 13.78 -20.15
C SER A 415 -4.14 12.85 -21.15
N VAL A 416 -3.92 11.57 -20.78
CA VAL A 416 -3.20 10.68 -21.68
C VAL A 416 -4.10 10.20 -22.81
N MET A 417 -5.42 10.12 -22.58
CA MET A 417 -6.30 9.70 -23.66
C MET A 417 -6.37 10.80 -24.70
N GLY A 418 -6.11 12.05 -24.30
CA GLY A 418 -6.24 13.18 -25.22
C GLY A 418 -7.61 13.84 -25.28
N TYR A 419 -8.45 13.57 -24.28
CA TYR A 419 -9.76 14.19 -24.15
C TYR A 419 -9.61 15.25 -23.07
N LEU A 420 -9.06 16.41 -23.45
CA LEU A 420 -8.71 17.39 -22.44
C LEU A 420 -9.88 18.29 -22.08
N ASN A 421 -10.89 18.42 -22.95
CA ASN A 421 -12.07 19.23 -22.63
C ASN A 421 -13.28 18.31 -22.54
N ASP A 422 -13.08 17.18 -21.84
CA ASP A 422 -14.14 16.20 -21.69
C ASP A 422 -15.33 16.82 -20.98
N PRO A 423 -16.57 16.47 -21.39
CA PRO A 423 -17.76 17.07 -20.81
C PRO A 423 -18.08 16.63 -19.38
N ASN A 424 -17.43 15.56 -18.91
CA ASN A 424 -17.75 14.99 -17.61
C ASN A 424 -16.55 14.99 -16.64
N PHE A 425 -15.36 14.71 -17.17
CA PHE A 425 -14.20 14.40 -16.35
C PHE A 425 -13.11 15.43 -16.59
N SER A 426 -12.65 16.07 -15.51
CA SER A 426 -11.59 17.07 -15.54
C SER A 426 -10.28 16.46 -15.97
N SER A 427 -9.52 17.18 -16.79
CA SER A 427 -8.15 16.81 -17.14
C SER A 427 -7.15 17.73 -16.42
N ASP A 428 -7.65 18.54 -15.48
CA ASP A 428 -6.82 19.49 -14.77
C ASP A 428 -5.85 18.74 -13.85
N LEU A 429 -4.55 19.04 -14.00
CA LEU A 429 -3.53 18.37 -13.20
C LEU A 429 -2.93 19.32 -12.16
N THR A 430 -3.48 20.52 -12.00
CA THR A 430 -2.90 21.53 -11.13
C THR A 430 -2.68 21.05 -9.70
N THR A 431 -3.59 20.23 -9.19
CA THR A 431 -3.56 19.83 -7.80
C THR A 431 -2.50 18.77 -7.52
N ILE A 432 -1.72 18.36 -8.52
CA ILE A 432 -0.61 17.47 -8.25
C ILE A 432 0.35 18.11 -7.24
N TYR A 433 0.44 19.43 -7.25
CA TYR A 433 1.28 20.14 -6.31
C TYR A 433 0.46 20.46 -5.07
N TYR A 434 0.97 20.08 -3.89
CA TYR A 434 0.21 20.10 -2.65
C TYR A 434 -0.38 21.49 -2.36
N LYS A 435 0.32 22.60 -2.63
CA LYS A 435 -0.20 23.90 -2.25
C LYS A 435 -1.45 24.23 -3.06
N ASN A 436 -1.56 23.69 -4.28
CA ASN A 436 -2.69 23.98 -5.16
C ASN A 436 -3.92 23.22 -4.67
N ARG A 437 -3.73 22.29 -3.75
CA ARG A 437 -4.88 21.71 -3.09
C ARG A 437 -5.09 22.35 -1.73
N GLY A 438 -4.36 23.42 -1.47
CA GLY A 438 -4.51 24.16 -0.24
C GLY A 438 -3.83 23.48 0.95
N PHE A 439 -2.88 22.56 0.70
CA PHE A 439 -2.14 21.95 1.78
C PHE A 439 -0.84 22.68 1.99
N PRO A 440 -0.43 22.97 3.23
CA PRO A 440 0.82 23.69 3.46
C PRO A 440 2.12 22.89 3.37
N THR A 441 2.04 21.54 3.38
CA THR A 441 3.22 20.68 3.42
C THR A 441 2.99 19.48 2.50
N PRO A 442 4.08 18.88 1.99
CA PRO A 442 4.01 17.79 1.02
C PRO A 442 3.63 16.45 1.66
N ASN A 443 2.38 16.33 2.07
CA ASN A 443 1.87 15.15 2.77
C ASN A 443 0.88 14.38 1.91
N LEU A 444 0.74 14.72 0.64
CA LEU A 444 -0.15 14.02 -0.29
C LEU A 444 0.67 13.08 -1.15
N ILE A 445 0.27 11.80 -1.21
CA ILE A 445 0.86 10.83 -2.12
C ILE A 445 0.01 10.83 -3.40
N ALA A 446 0.49 11.52 -4.42
CA ALA A 446 -0.21 11.52 -5.68
C ALA A 446 0.06 10.24 -6.44
N TYR A 447 -0.97 9.78 -7.18
CA TYR A 447 -0.77 8.66 -8.08
C TYR A 447 -1.63 8.83 -9.33
N MET A 448 -1.09 8.33 -10.43
CA MET A 448 -1.79 8.17 -11.70
C MET A 448 -2.57 6.85 -11.65
N GLU A 449 -2.02 5.85 -10.93
CA GLU A 449 -2.51 4.48 -10.94
C GLU A 449 -2.41 3.92 -9.52
N SER A 450 -3.37 3.06 -9.19
CA SER A 450 -3.33 2.23 -8.01
C SER A 450 -4.04 0.92 -8.36
N HIS A 451 -3.96 -0.03 -7.44
CA HIS A 451 -4.61 -1.31 -7.67
C HIS A 451 -6.13 -1.14 -7.81
N ASP A 452 -6.70 -0.08 -7.23
CA ASP A 452 -8.14 0.14 -7.27
C ASP A 452 -8.62 0.83 -8.55
N GLU A 453 -7.69 1.27 -9.41
CA GLU A 453 -8.02 2.12 -10.53
C GLU A 453 -7.68 1.42 -11.84
N GLN A 454 -8.33 1.87 -12.92
CA GLN A 454 -8.07 1.40 -14.26
C GLN A 454 -6.62 1.68 -14.65
N TRP A 455 -6.07 0.80 -15.47
CA TRP A 455 -4.77 1.07 -16.08
C TRP A 455 -4.93 2.18 -17.10
N LEU A 456 -4.00 3.13 -17.09
CA LEU A 456 -4.02 4.19 -18.08
C LEU A 456 -3.91 3.62 -19.50
N MET A 457 -3.08 2.60 -19.70
CA MET A 457 -2.91 2.00 -21.04
C MET A 457 -4.21 1.34 -21.50
N TYR A 458 -5.02 0.78 -20.58
CA TYR A 458 -6.32 0.26 -20.97
C TYR A 458 -7.15 1.40 -21.59
N ARG A 459 -7.22 2.54 -20.89
CA ARG A 459 -8.06 3.61 -21.37
C ARG A 459 -7.55 4.20 -22.68
N MET A 460 -6.22 4.32 -22.83
CA MET A 460 -5.68 4.83 -24.08
C MET A 460 -5.99 3.88 -25.24
N ARG A 461 -5.72 2.59 -25.07
CA ARG A 461 -5.84 1.64 -26.19
C ARG A 461 -7.31 1.39 -26.51
N ALA A 462 -8.20 1.41 -25.50
CA ALA A 462 -9.61 1.14 -25.74
C ALA A 462 -10.34 2.38 -26.23
N TYR A 463 -9.96 3.57 -25.71
CA TYR A 463 -10.81 4.74 -25.88
C TYR A 463 -10.07 5.97 -26.41
N GLY A 464 -8.75 5.89 -26.59
CA GLY A 464 -7.94 7.08 -26.87
C GLY A 464 -8.39 7.87 -28.10
N ALA A 465 -8.08 9.16 -28.06
CA ALA A 465 -8.41 10.09 -29.12
C ALA A 465 -7.48 9.90 -30.32
N ARG A 466 -7.89 10.42 -31.47
CA ARG A 466 -7.05 10.38 -32.66
C ARG A 466 -7.35 11.58 -33.53
N GLN A 467 -6.33 12.00 -34.30
CA GLN A 467 -6.47 13.07 -35.26
C GLN A 467 -5.53 12.75 -36.41
N GLY A 468 -6.10 12.58 -37.60
CA GLY A 468 -5.31 12.16 -38.74
C GLY A 468 -4.62 10.84 -38.50
N ALA A 469 -3.29 10.82 -38.65
CA ALA A 469 -2.52 9.61 -38.54
C ALA A 469 -2.00 9.41 -37.10
N TYR A 470 -2.35 10.31 -36.17
CA TYR A 470 -1.89 10.23 -34.79
C TYR A 470 -2.98 9.59 -33.94
N ASP A 471 -2.71 8.41 -33.42
CA ASP A 471 -3.75 7.61 -32.80
C ASP A 471 -3.29 7.17 -31.42
N VAL A 472 -3.91 7.70 -30.38
CA VAL A 472 -3.56 7.32 -29.01
C VAL A 472 -3.84 5.85 -28.73
N ARG A 473 -4.72 5.20 -29.52
CA ARG A 473 -4.98 3.78 -29.33
C ARG A 473 -3.84 2.88 -29.81
N SER A 474 -2.90 3.42 -30.59
CA SER A 474 -1.73 2.69 -31.04
C SER A 474 -0.73 2.52 -29.88
N LEU A 475 -0.22 1.31 -29.66
CA LEU A 475 0.65 1.05 -28.53
C LEU A 475 1.84 2.01 -28.49
N PRO A 476 2.60 2.20 -29.59
CA PRO A 476 3.80 3.03 -29.48
C PRO A 476 3.44 4.48 -29.16
N VAL A 477 2.30 4.95 -29.66
CA VAL A 477 1.86 6.30 -29.36
C VAL A 477 1.48 6.44 -27.89
N ALA A 478 0.73 5.47 -27.41
CA ALA A 478 0.30 5.41 -26.02
C ALA A 478 1.51 5.35 -25.06
N LEU A 479 2.52 4.53 -25.39
CA LEU A 479 3.72 4.46 -24.55
C LEU A 479 4.38 5.83 -24.43
N ASP A 480 4.44 6.57 -25.55
CA ASP A 480 5.00 7.91 -25.53
C ASP A 480 4.19 8.82 -24.59
N ARG A 481 2.87 8.66 -24.56
CA ARG A 481 2.03 9.48 -23.69
C ARG A 481 2.30 9.16 -22.23
N MET A 482 2.75 7.94 -21.91
CA MET A 482 3.07 7.63 -20.52
C MET A 482 4.41 8.22 -20.14
N LYS A 483 5.29 8.44 -21.12
CA LYS A 483 6.52 9.17 -20.84
C LYS A 483 6.17 10.61 -20.46
N LEU A 484 5.32 11.24 -21.27
CA LEU A 484 4.79 12.58 -21.02
C LEU A 484 4.13 12.65 -19.64
N ALA A 485 3.24 11.70 -19.33
CA ALA A 485 2.61 11.68 -18.02
C ALA A 485 3.66 11.71 -16.92
N GLY A 486 4.69 10.86 -17.06
CA GLY A 486 5.71 10.72 -16.04
C GLY A 486 6.44 12.04 -15.83
N ALA A 487 6.73 12.74 -16.93
CA ALA A 487 7.41 14.02 -16.88
C ALA A 487 6.59 15.08 -16.13
N PHE A 488 5.27 14.89 -16.09
CA PHE A 488 4.36 15.78 -15.37
C PHE A 488 3.92 15.19 -14.01
N PHE A 489 4.70 14.25 -13.48
CA PHE A 489 4.33 13.50 -12.29
C PHE A 489 5.55 13.34 -11.39
N PHE A 490 6.58 12.66 -11.87
CA PHE A 490 7.75 12.40 -11.07
C PHE A 490 8.55 13.65 -10.77
N THR A 491 8.30 14.73 -11.51
CA THR A 491 9.04 15.97 -11.35
C THR A 491 8.46 16.87 -10.26
N VAL A 492 7.33 16.52 -9.67
CA VAL A 492 6.63 17.46 -8.79
C VAL A 492 6.92 17.07 -7.34
N PRO A 493 7.36 18.03 -6.49
CA PRO A 493 7.61 17.75 -5.09
C PRO A 493 6.40 17.10 -4.41
N GLY A 494 6.73 16.31 -3.38
CA GLY A 494 5.78 15.55 -2.60
C GLY A 494 5.83 14.09 -2.98
N PRO A 495 5.34 13.20 -2.09
CA PRO A 495 5.50 11.78 -2.32
C PRO A 495 4.59 11.33 -3.48
N LYS A 496 4.96 10.20 -4.08
CA LYS A 496 4.32 9.68 -5.28
C LYS A 496 4.20 8.17 -5.16
N MET A 497 3.22 7.59 -5.87
CA MET A 497 3.06 6.14 -5.91
C MET A 497 2.78 5.73 -7.35
N ILE A 498 3.36 4.58 -7.72
CA ILE A 498 3.05 3.91 -8.96
C ILE A 498 2.65 2.47 -8.68
N TRP A 499 1.86 1.93 -9.60
CA TRP A 499 1.26 0.61 -9.51
C TRP A 499 1.96 -0.33 -10.47
N GLN A 500 2.29 -1.54 -9.97
CA GLN A 500 3.14 -2.49 -10.69
C GLN A 500 2.84 -2.55 -12.19
N PHE A 501 3.93 -2.42 -12.94
CA PHE A 501 4.03 -2.66 -14.37
C PHE A 501 3.50 -1.50 -15.21
N GLY A 502 2.97 -0.43 -14.61
CA GLY A 502 2.68 0.77 -15.38
C GLY A 502 3.91 1.23 -16.17
N GLU A 503 5.09 1.00 -15.60
CA GLU A 503 6.36 1.37 -16.20
C GLU A 503 6.70 0.57 -17.43
N LEU A 504 5.97 -0.53 -17.70
CA LEU A 504 6.12 -1.28 -18.94
C LEU A 504 4.87 -1.15 -19.81
N GLY A 505 3.95 -0.24 -19.49
CA GLY A 505 2.73 -0.05 -20.28
C GLY A 505 1.66 -1.12 -20.07
N TYR A 506 1.60 -1.66 -18.86
CA TYR A 506 0.59 -2.66 -18.58
C TYR A 506 -0.79 -2.03 -18.74
N GLY A 507 -1.74 -2.81 -19.27
CA GLY A 507 -3.09 -2.34 -19.56
C GLY A 507 -3.46 -2.61 -21.01
N TYR A 508 -4.72 -2.97 -21.19
CA TYR A 508 -5.27 -3.48 -22.44
C TYR A 508 -4.73 -4.87 -22.75
N GLY A 509 -3.42 -4.98 -23.02
CA GLY A 509 -2.82 -6.26 -23.35
C GLY A 509 -3.05 -6.56 -24.82
N GLU A 510 -3.43 -7.81 -25.11
CA GLU A 510 -3.59 -8.30 -26.47
C GLU A 510 -4.92 -7.79 -27.06
N ARG A 511 -6.01 -7.94 -26.30
CA ARG A 511 -7.34 -7.61 -26.80
C ARG A 511 -8.26 -7.11 -25.68
N GLY A 512 -7.68 -6.47 -24.66
CA GLY A 512 -8.48 -5.81 -23.65
C GLY A 512 -8.61 -6.62 -22.37
N GLU A 513 -7.92 -7.77 -22.27
CA GLU A 513 -8.04 -8.62 -21.10
C GLU A 513 -7.37 -7.97 -19.89
N GLN A 514 -6.40 -7.08 -20.09
CA GLN A 514 -5.84 -6.31 -18.98
C GLN A 514 -6.70 -5.07 -18.72
N CYS A 515 -7.83 -5.31 -18.02
CA CYS A 515 -8.85 -4.32 -17.78
C CYS A 515 -9.36 -4.55 -16.37
N LEU A 516 -9.52 -3.48 -15.58
CA LEU A 516 -10.07 -3.63 -14.24
C LEU A 516 -11.56 -3.33 -14.26
N GLU A 517 -12.30 -4.31 -13.76
CA GLU A 517 -13.74 -4.14 -13.65
C GLU A 517 -14.06 -3.25 -12.45
N GLY A 518 -15.18 -2.54 -12.55
CA GLY A 518 -15.69 -1.71 -11.47
C GLY A 518 -15.15 -0.30 -11.44
N THR A 519 -14.64 0.21 -12.58
CA THR A 519 -14.07 1.55 -12.61
C THR A 519 -14.87 2.48 -13.51
N GLY A 520 -16.02 2.03 -13.99
CA GLY A 520 -16.87 2.86 -14.83
C GLY A 520 -16.61 2.66 -16.31
N ASP A 521 -15.77 1.66 -16.65
CA ASP A 521 -15.48 1.28 -18.02
C ASP A 521 -16.04 -0.13 -18.22
N SER A 522 -16.72 -0.34 -19.35
CA SER A 522 -17.24 -1.65 -19.64
C SER A 522 -16.12 -2.53 -20.21
N CYS A 523 -15.50 -3.36 -19.35
CA CYS A 523 -14.40 -4.22 -19.79
C CYS A 523 -14.93 -5.25 -20.80
N PRO A 524 -14.10 -5.74 -21.74
CA PRO A 524 -14.50 -6.87 -22.58
C PRO A 524 -14.76 -8.12 -21.75
N SER A 525 -15.54 -9.02 -22.32
CA SER A 525 -15.91 -10.25 -21.64
C SER A 525 -14.69 -11.05 -21.22
N ILE A 526 -13.59 -11.01 -21.98
CA ILE A 526 -12.41 -11.82 -21.69
C ILE A 526 -11.69 -11.33 -20.43
N ALA A 527 -11.98 -10.10 -19.95
CA ALA A 527 -11.26 -9.57 -18.81
C ALA A 527 -11.63 -10.35 -17.55
N PRO A 528 -10.71 -10.55 -16.59
CA PRO A 528 -11.06 -11.14 -15.31
C PRO A 528 -11.93 -10.23 -14.44
N GLY A 529 -12.53 -10.81 -13.39
CA GLY A 529 -13.22 -10.04 -12.39
C GLY A 529 -12.27 -9.12 -11.65
N ARG A 530 -12.86 -8.11 -11.01
CA ARG A 530 -12.10 -7.02 -10.42
C ARG A 530 -10.96 -7.51 -9.54
N ILE A 531 -11.22 -8.46 -8.61
CA ILE A 531 -10.15 -8.84 -7.69
C ILE A 531 -9.44 -10.11 -8.15
N ASP A 532 -9.82 -10.65 -9.31
CA ASP A 532 -9.29 -11.90 -9.80
C ASP A 532 -7.86 -11.76 -10.30
N PRO A 533 -7.08 -12.84 -10.32
CA PRO A 533 -5.72 -12.82 -10.87
C PRO A 533 -5.65 -12.20 -12.27
N LYS A 534 -4.68 -11.31 -12.43
CA LYS A 534 -4.46 -10.63 -13.70
C LYS A 534 -3.27 -11.26 -14.42
N PRO A 535 -3.20 -11.12 -15.75
CA PRO A 535 -2.06 -11.61 -16.51
C PRO A 535 -0.73 -11.05 -15.99
N ILE A 536 0.26 -11.94 -15.94
CA ILE A 536 1.61 -11.61 -15.56
C ILE A 536 2.46 -11.61 -16.84
N ARG A 537 3.10 -10.46 -17.15
CA ARG A 537 3.71 -10.27 -18.47
C ARG A 537 5.12 -9.73 -18.32
N TRP A 538 6.01 -10.50 -17.73
CA TRP A 538 7.40 -10.14 -17.66
C TRP A 538 8.07 -10.14 -19.03
N ASP A 539 7.44 -10.77 -20.03
CA ASP A 539 7.89 -10.71 -21.41
C ASP A 539 7.90 -9.28 -21.93
N TYR A 540 7.19 -8.35 -21.27
CA TYR A 540 7.22 -6.96 -21.69
C TYR A 540 8.62 -6.37 -21.62
N ARG A 541 9.48 -6.91 -20.75
CA ARG A 541 10.87 -6.45 -20.73
C ARG A 541 11.61 -6.68 -22.04
N ASN A 542 11.11 -7.61 -22.87
CA ASN A 542 11.76 -7.92 -24.14
C ASN A 542 11.32 -6.96 -25.23
N ASP A 543 10.34 -6.08 -24.96
CA ASP A 543 9.87 -5.16 -25.97
C ASP A 543 10.64 -3.86 -25.80
N PRO A 544 11.46 -3.46 -26.79
CA PRO A 544 12.23 -2.22 -26.67
C PRO A 544 11.34 -0.99 -26.51
N LEU A 545 10.13 -1.02 -27.07
CA LEU A 545 9.27 0.14 -26.93
C LEU A 545 8.85 0.26 -25.46
N ARG A 546 8.53 -0.89 -24.82
CA ARG A 546 8.08 -0.82 -23.44
C ARG A 546 9.26 -0.46 -22.54
N MET A 547 10.46 -0.96 -22.85
CA MET A 547 11.62 -0.64 -22.06
C MET A 547 12.00 0.84 -22.18
N LYS A 548 11.65 1.50 -23.30
CA LYS A 548 11.91 2.93 -23.39
C LYS A 548 11.07 3.71 -22.38
N LEU A 549 9.84 3.27 -22.13
CA LEU A 549 9.02 3.90 -21.10
C LEU A 549 9.68 3.71 -19.73
N TYR A 550 10.02 2.46 -19.39
CA TYR A 550 10.71 2.15 -18.14
C TYR A 550 11.93 3.05 -17.97
N ARG A 551 12.75 3.16 -19.02
CA ARG A 551 13.98 3.92 -18.90
C ARG A 551 13.71 5.42 -18.74
N THR A 552 12.67 5.94 -19.39
CA THR A 552 12.30 7.34 -19.21
C THR A 552 11.95 7.62 -17.75
N TRP A 553 11.07 6.80 -17.17
CA TRP A 553 10.69 6.97 -15.78
C TRP A 553 11.91 6.83 -14.87
N ALA A 554 12.74 5.81 -15.14
CA ALA A 554 13.96 5.60 -14.36
C ALA A 554 14.90 6.81 -14.40
N GLU A 555 15.04 7.42 -15.59
CA GLU A 555 15.89 8.59 -15.71
C GLU A 555 15.32 9.80 -14.97
N LEU A 556 13.98 9.96 -15.02
CA LEU A 556 13.33 11.02 -14.25
C LEU A 556 13.58 10.81 -12.75
N LEU A 557 13.52 9.56 -12.28
CA LEU A 557 13.71 9.29 -10.86
C LEU A 557 15.19 9.32 -10.46
N ARG A 558 16.11 9.04 -11.39
CA ARG A 558 17.53 9.23 -11.13
C ARG A 558 17.86 10.71 -10.94
N LEU A 559 17.24 11.58 -11.75
CA LEU A 559 17.39 13.03 -11.59
C LEU A 559 16.82 13.47 -10.24
N ARG A 560 15.60 13.02 -9.96
CA ARG A 560 14.90 13.41 -8.74
C ARG A 560 15.74 13.05 -7.50
N ARG A 561 16.41 11.88 -7.53
CA ARG A 561 17.18 11.41 -6.38
C ARG A 561 18.26 12.41 -5.96
N GLU A 562 18.89 13.10 -6.92
CA GLU A 562 20.02 13.95 -6.58
C GLU A 562 19.73 15.43 -6.79
N HIS A 563 18.50 15.80 -7.17
CA HIS A 563 18.20 17.20 -7.34
C HIS A 563 16.99 17.56 -6.48
N ALA A 564 17.27 18.27 -5.39
CA ALA A 564 16.27 18.59 -4.38
C ALA A 564 15.14 19.43 -4.95
N VAL A 565 15.37 20.12 -6.08
CA VAL A 565 14.32 20.91 -6.69
C VAL A 565 13.07 20.03 -6.83
N PHE A 566 13.28 18.75 -7.19
CA PHE A 566 12.15 17.86 -7.52
C PHE A 566 11.44 17.32 -6.27
N ARG A 567 12.00 17.57 -5.09
CA ARG A 567 11.58 16.89 -3.86
C ARG A 567 11.21 17.83 -2.71
N SER A 568 11.72 19.06 -2.73
CA SER A 568 11.78 19.92 -1.56
C SER A 568 10.53 20.75 -1.35
N PRO A 569 10.13 20.99 -0.08
CA PRO A 569 9.11 21.97 0.22
C PRO A 569 9.53 23.41 -0.04
N GLU A 570 10.83 23.63 -0.28
CA GLU A 570 11.36 24.95 -0.56
C GLU A 570 11.15 25.33 -2.03
N THR A 571 10.91 24.36 -2.88
CA THR A 571 10.73 24.62 -4.29
C THR A 571 9.47 25.44 -4.51
N GLN A 572 9.60 26.47 -5.37
CA GLN A 572 8.47 27.24 -5.82
C GLN A 572 8.05 26.66 -7.17
N VAL A 573 6.73 26.49 -7.32
CA VAL A 573 6.15 25.80 -8.45
C VAL A 573 5.16 26.75 -9.12
N ARG A 574 5.28 26.89 -10.44
CA ARG A 574 4.27 27.54 -11.24
C ARG A 574 3.91 26.59 -12.36
N MET A 575 2.67 26.70 -12.85
CA MET A 575 2.27 25.72 -13.82
C MET A 575 1.15 26.24 -14.69
N ARG A 576 0.99 25.51 -15.79
CA ARG A 576 -0.11 25.65 -16.72
C ARG A 576 -0.56 24.22 -17.01
N LEU A 577 -1.46 23.70 -16.17
CA LEU A 577 -1.94 22.34 -16.24
C LEU A 577 -3.46 22.30 -16.28
N GLN A 578 -4.09 23.41 -16.69
CA GLN A 578 -5.53 23.52 -16.55
C GLN A 578 -6.27 22.60 -17.51
N HIS A 579 -7.50 22.27 -17.09
CA HIS A 579 -8.46 21.55 -17.90
C HIS A 579 -8.49 22.11 -19.30
N GLY A 580 -8.39 21.20 -20.29
CA GLY A 580 -8.61 21.59 -21.67
C GLY A 580 -7.35 22.08 -22.42
N VAL A 581 -6.32 22.51 -21.69
CA VAL A 581 -5.17 23.17 -22.27
C VAL A 581 -4.18 22.12 -22.77
N PRO A 582 -3.88 22.03 -24.09
CA PRO A 582 -2.96 21.00 -24.57
C PRO A 582 -1.50 21.35 -24.31
N GLY A 583 -1.16 22.65 -24.36
CA GLY A 583 0.24 23.05 -24.21
C GLY A 583 0.54 23.33 -22.74
N ARG A 584 1.03 22.30 -22.05
CA ARG A 584 1.15 22.35 -20.61
C ARG A 584 2.62 22.51 -20.20
N TRP A 585 2.81 23.09 -19.02
CA TRP A 585 4.18 23.27 -18.53
C TRP A 585 4.18 23.44 -17.01
N ILE A 586 5.35 23.13 -16.44
CA ILE A 586 5.64 23.30 -15.03
C ILE A 586 7.00 24.00 -14.93
N SER A 587 7.08 25.01 -14.05
CA SER A 587 8.37 25.55 -13.67
C SER A 587 8.61 25.26 -12.19
N LEU A 588 9.89 24.96 -11.89
CA LEU A 588 10.32 24.75 -10.53
C LEU A 588 11.54 25.62 -10.28
N THR A 589 11.57 26.31 -9.15
CA THR A 589 12.76 27.08 -8.77
C THR A 589 13.17 26.70 -7.36
N HIS A 590 14.45 26.43 -7.18
CA HIS A 590 14.97 26.02 -5.89
C HIS A 590 16.39 26.56 -5.82
N PRO A 591 16.99 26.72 -4.63
CA PRO A 591 18.39 27.13 -4.57
C PRO A 591 19.38 26.36 -5.41
N GLU A 592 19.16 25.05 -5.65
CA GLU A 592 20.16 24.28 -6.40
C GLU A 592 19.91 24.28 -7.91
N LEU A 593 18.67 24.47 -8.36
CA LEU A 593 18.33 24.27 -9.76
C LEU A 593 16.99 24.88 -10.08
N SER A 594 16.83 25.30 -11.34
CA SER A 594 15.51 25.61 -11.87
C SER A 594 15.22 24.66 -13.03
N VAL A 595 13.92 24.36 -13.23
CA VAL A 595 13.48 23.38 -14.19
C VAL A 595 12.24 23.92 -14.88
N VAL A 596 12.18 23.67 -16.19
CA VAL A 596 10.93 23.84 -16.92
C VAL A 596 10.62 22.54 -17.65
N VAL A 597 9.42 22.01 -17.40
CA VAL A 597 8.91 20.85 -18.13
C VAL A 597 7.81 21.35 -19.07
N VAL A 598 7.88 20.94 -20.34
CA VAL A 598 6.95 21.32 -21.39
CA VAL A 598 6.87 21.32 -21.32
C VAL A 598 6.35 20.05 -21.99
N GLY A 599 5.05 20.09 -22.32
CA GLY A 599 4.43 18.93 -22.93
C GLY A 599 3.26 19.33 -23.82
N ASN A 600 3.04 18.49 -24.82
CA ASN A 600 1.91 18.65 -25.72
C ASN A 600 0.96 17.47 -25.50
N PHE A 601 -0.11 17.74 -24.75
CA PHE A 601 -1.12 16.75 -24.43
C PHE A 601 -2.21 16.72 -25.50
N GLY A 602 -2.03 17.51 -26.56
CA GLY A 602 -2.97 17.49 -27.68
C GLY A 602 -2.68 16.39 -28.69
N LEU A 603 -3.31 16.53 -29.87
CA LEU A 603 -3.29 15.50 -30.91
C LEU A 603 -2.66 16.02 -32.21
N GLU A 604 -2.19 17.27 -32.18
CA GLU A 604 -1.49 17.85 -33.32
C GLU A 604 -0.33 18.71 -32.84
N PRO A 605 0.61 19.07 -33.74
CA PRO A 605 1.74 19.90 -33.33
C PRO A 605 1.30 21.24 -32.75
N LEU A 606 2.05 21.75 -31.76
CA LEU A 606 1.70 22.95 -31.05
C LEU A 606 2.96 23.64 -30.54
N VAL A 607 2.94 24.97 -30.55
CA VAL A 607 3.96 25.74 -29.85
C VAL A 607 3.48 25.95 -28.41
N VAL A 608 4.27 25.48 -27.45
CA VAL A 608 3.98 25.65 -26.04
C VAL A 608 4.91 26.75 -25.54
N THR A 609 4.34 27.73 -24.83
CA THR A 609 5.11 28.88 -24.38
C THR A 609 5.11 28.93 -22.86
N PRO A 610 6.07 28.24 -22.22
CA PRO A 610 6.19 28.34 -20.78
C PRO A 610 6.73 29.70 -20.38
N THR A 611 6.53 30.05 -19.11
CA THR A 611 7.22 31.17 -18.51
C THR A 611 8.48 30.60 -17.88
N PHE A 612 9.61 30.74 -18.58
CA PHE A 612 10.88 30.38 -17.99
C PHE A 612 11.13 31.31 -16.83
N PRO A 613 11.60 30.80 -15.67
CA PRO A 613 11.83 31.67 -14.52
C PRO A 613 12.95 32.68 -14.64
N GLN A 614 13.87 32.44 -15.58
CA GLN A 614 15.00 33.32 -15.80
C GLN A 614 15.43 33.18 -17.27
N THR A 615 16.03 34.23 -17.78
CA THR A 615 16.68 34.19 -19.08
C THR A 615 18.06 33.54 -18.97
N GLY A 616 18.61 33.20 -20.13
CA GLY A 616 19.87 32.48 -20.19
C GLY A 616 19.76 31.20 -21.02
N THR A 617 20.80 30.38 -20.92
CA THR A 617 20.84 29.09 -21.61
C THR A 617 20.14 28.06 -20.75
N TRP A 618 19.19 27.33 -21.35
CA TRP A 618 18.52 26.22 -20.71
C TRP A 618 18.89 24.94 -21.45
N TYR A 619 19.12 23.87 -20.68
CA TYR A 619 19.64 22.62 -21.19
C TYR A 619 18.55 21.54 -21.24
N ASP A 620 18.43 20.91 -22.41
CA ASP A 620 17.48 19.83 -22.65
C ASP A 620 18.09 18.51 -22.17
N TYR A 621 17.51 17.98 -21.09
CA TYR A 621 18.11 16.84 -20.42
C TYR A 621 18.14 15.61 -21.34
N PHE A 622 17.03 15.31 -22.01
CA PHE A 622 16.97 14.08 -22.78
C PHE A 622 17.67 14.20 -24.16
N ASN A 623 17.67 15.39 -24.76
CA ASN A 623 18.17 15.50 -26.13
C ASN A 623 19.61 16.01 -26.21
N GLY A 624 20.16 16.52 -25.10
CA GLY A 624 21.59 16.79 -25.00
C GLY A 624 22.02 18.11 -25.63
N ASP A 625 21.06 19.00 -25.95
CA ASP A 625 21.38 20.31 -26.48
C ASP A 625 20.75 21.37 -25.59
N SER A 626 20.73 22.61 -26.08
CA SER A 626 20.33 23.73 -25.25
C SER A 626 19.60 24.78 -26.09
N LEU A 627 18.89 25.64 -25.38
CA LEU A 627 18.05 26.70 -25.91
C LEU A 627 18.47 28.01 -25.23
N VAL A 628 18.54 29.11 -26.00
CA VAL A 628 18.74 30.43 -25.41
C VAL A 628 17.36 31.09 -25.21
N VAL A 629 17.09 31.46 -23.96
CA VAL A 629 15.87 32.13 -23.55
C VAL A 629 16.24 33.60 -23.37
N ASP A 630 15.87 34.40 -24.38
CA ASP A 630 16.09 35.84 -24.40
C ASP A 630 14.84 36.59 -23.95
N ASP A 631 13.74 35.85 -23.80
CA ASP A 631 12.51 36.32 -23.15
C ASP A 631 11.95 35.17 -22.31
N PRO A 632 11.60 35.38 -21.00
CA PRO A 632 11.00 34.30 -20.20
C PRO A 632 9.88 33.58 -20.95
N ASN A 633 9.15 34.27 -21.83
CA ASN A 633 8.12 33.63 -22.63
C ASN A 633 8.68 33.30 -24.03
N THR A 634 9.16 32.05 -24.15
CA THR A 634 9.82 31.52 -25.34
C THR A 634 9.05 30.29 -25.80
N GLY A 635 8.85 30.14 -27.11
CA GLY A 635 8.02 29.06 -27.63
C GLY A 635 8.82 27.81 -27.97
N ILE A 636 8.22 26.63 -27.70
CA ILE A 636 8.81 25.33 -27.95
C ILE A 636 7.82 24.56 -28.82
N GLU A 637 8.18 24.26 -30.06
CA GLU A 637 7.30 23.48 -30.93
C GLU A 637 7.45 21.99 -30.59
N LEU A 638 6.29 21.35 -30.35
CA LEU A 638 6.28 19.95 -29.95
C LEU A 638 5.24 19.17 -30.75
N LEU A 639 5.62 17.97 -31.19
CA LEU A 639 4.68 17.02 -31.74
C LEU A 639 3.74 16.58 -30.63
N PRO A 640 2.54 16.08 -30.99
CA PRO A 640 1.64 15.59 -29.94
C PRO A 640 2.25 14.43 -29.17
N GLY A 641 2.10 14.48 -27.83
CA GLY A 641 2.62 13.49 -26.91
C GLY A 641 4.04 13.76 -26.43
N GLU A 642 4.73 14.71 -27.06
CA GLU A 642 6.13 14.99 -26.74
C GLU A 642 6.24 15.79 -25.45
N PHE A 643 7.38 15.59 -24.75
CA PHE A 643 7.74 16.47 -23.64
C PHE A 643 9.22 16.87 -23.78
N ARG A 644 9.56 17.94 -23.05
CA ARG A 644 10.96 18.28 -22.86
C ARG A 644 11.16 18.68 -21.42
N LEU A 645 12.35 18.38 -20.89
CA LEU A 645 12.74 18.83 -19.56
C LEU A 645 14.00 19.68 -19.69
N TYR A 646 13.88 20.95 -19.31
CA TYR A 646 14.99 21.89 -19.35
C TYR A 646 15.43 22.26 -17.94
N THR A 647 16.75 22.44 -17.78
CA THR A 647 17.32 22.96 -16.54
C THR A 647 18.15 24.20 -16.85
N ASN A 648 18.35 25.01 -15.83
CA ASN A 648 19.03 26.30 -15.96
C ASN A 648 20.54 26.15 -15.85
N ARG A 649 21.03 24.96 -15.50
CA ARG A 649 22.44 24.61 -15.51
C ARG A 649 22.58 23.23 -16.14
N TYR A 650 23.73 22.94 -16.74
CA TYR A 650 23.98 21.62 -17.28
C TYR A 650 24.16 20.63 -16.14
N VAL A 651 23.34 19.56 -16.14
CA VAL A 651 23.35 18.55 -15.09
C VAL A 651 23.50 17.13 -15.66
N GLY A 652 23.97 17.04 -16.90
CA GLY A 652 24.21 15.81 -17.61
C GLY A 652 23.17 15.59 -18.71
N GLN A 653 23.07 14.33 -19.08
CA GLN A 653 22.18 13.92 -20.15
C GLN A 653 21.61 12.56 -19.81
N ALA A 654 20.32 12.37 -20.12
CA ALA A 654 19.69 11.07 -19.91
C ALA A 654 20.52 9.99 -20.59
N GLU A 655 20.64 8.85 -19.90
CA GLU A 655 21.36 7.71 -20.43
C GLU A 655 20.47 6.47 -20.30
#